data_4BAC
#
_entry.id   4BAC
#
_cell.length_a   160.617
_cell.length_b   160.617
_cell.length_c   125.092
_cell.angle_alpha   90.00
_cell.angle_beta   90.00
_cell.angle_gamma   90.00
#
_symmetry.space_group_name_H-M   'P 41 21 2'
#
loop_
_entity.id
_entity.type
_entity.pdbx_description
1 polymer INTEGRASE
2 polymer "5'-D(*AP*TP*TP*GP*TP*CP*AP*TP*GP*GP*AP*AP*TP*TP *TP*TP*GP*TP*AP)-3'"
3 polymer 'DNA (38-MER)'
4 polymer "5'-D(*AP*GP*GP*AP*GP*CP*CP*AP*AP*GP*AP*CP*GP*GP *AP*TP*CP)-3'"
5 non-polymer 'ZINC ION'
6 non-polymer 'MAGNESIUM ION'
7 water water
#
loop_
_entity_poly.entity_id
_entity_poly.type
_entity_poly.pdbx_seq_one_letter_code
_entity_poly.pdbx_strand_id
1 'polypeptide(L)'
;GSHMCNTKKPNLDAELDQLLQGHYIKGYPKQYTYFLEDGKVKVSRPEGVKIIPPQSDRQKIVLQAHNLAHTGREATLLKI
ANLYWWPNMRKDVVKQLGRCQQCLITNASNKASGPILRPDRPQKPFDKFFIDYIGPLPPSQGYLYVLVVVDGMTGFTWLY
PTKAPSTSATVKSLNVLTSIAIPKVIHSDQGAAFTSSTFAEWAKERGIHLEFSTPYHPQSGSKVERKNSDIKRLLTKLLV
GRPTKWYDLLPVVQLALNNTYSPVLKYTPHQLLFGIDSNTPFANQDTLDLTREEELSLLQEIRTSLYHPSTPPASSRSWS
PVVGQLVQERVARPASLRPRWHKPSTVLKVLNPRTVVILDHLGNNRTVSIDNLKPTSHQNGTTNDTATMDHLEKNE
;
A,B
2 'polydeoxyribonucleotide' (DA)(DT)(DT)(DG)(DT)(DC)(DA)(DT)(DG)(DG)(DA)(DA)(DT)(DT)(DT)(DT)(DG)(DT)(DA) C
3 'polydeoxyribonucleotide'
;(DT)(DA)(DC)(DA)(DA)(DA)(DA)(DT)(DT)(DC)(DC)(DA)(DT)(DG)(DA)(DC)(DA)(DG)(DT)(DA)
(DC)(DG)(DA)(DT)(DC)(DC)(DG)(DT)(DC)(DT)(DT)(DG)(DA)(DC)(DT)(DC)(DC)(DT)
;
D
4 'polydeoxyribonucleotide' (DA)(DG)(DG)(DA)(DG)(DC)(DC)(DA)(DA)(DG)(DA)(DC)(DG)(DG)(DA)(DT)(DC) E
#
# COMPACT_ATOMS: atom_id res chain seq x y z
N LEU A 12 60.08 -14.52 9.98
CA LEU A 12 60.23 -14.17 8.55
C LEU A 12 61.56 -14.67 7.99
N ASP A 13 62.66 -14.26 8.63
CA ASP A 13 64.00 -14.69 8.24
C ASP A 13 64.49 -15.84 9.11
N ALA A 14 63.96 -15.92 10.33
CA ALA A 14 64.35 -16.97 11.27
C ALA A 14 63.71 -18.31 10.96
N GLU A 15 62.48 -18.27 10.45
CA GLU A 15 61.75 -19.49 10.08
C GLU A 15 62.32 -20.14 8.83
N LEU A 16 62.80 -19.32 7.90
CA LEU A 16 63.35 -19.80 6.63
C LEU A 16 64.81 -20.25 6.77
N ASP A 17 65.50 -19.69 7.76
CA ASP A 17 66.91 -20.02 8.01
C ASP A 17 67.05 -21.41 8.63
N GLN A 18 66.16 -21.73 9.57
CA GLN A 18 66.16 -23.04 10.22
C GLN A 18 65.68 -24.14 9.28
N LEU A 19 64.90 -23.76 8.28
CA LEU A 19 64.36 -24.70 7.31
C LEU A 19 65.42 -25.20 6.32
N LEU A 20 66.35 -24.30 5.97
CA LEU A 20 67.39 -24.62 5.00
C LEU A 20 68.41 -25.61 5.52
N GLN A 21 68.67 -25.56 6.83
CA GLN A 21 69.69 -26.40 7.46
C GLN A 21 69.18 -27.77 7.92
N GLY A 22 67.91 -28.04 7.66
CA GLY A 22 67.34 -29.37 7.90
C GLY A 22 66.35 -29.43 9.06
N HIS A 23 66.37 -28.42 9.92
CA HIS A 23 65.48 -28.38 11.09
C HIS A 23 64.06 -28.12 10.69
N TYR A 24 63.13 -28.80 11.37
CA TYR A 24 61.72 -28.82 10.97
C TYR A 24 60.92 -27.66 11.54
N ILE A 25 60.10 -27.04 10.69
CA ILE A 25 59.13 -26.03 11.11
C ILE A 25 57.74 -26.45 10.62
N LYS A 26 56.74 -26.33 11.50
CA LYS A 26 55.35 -26.70 11.17
C LYS A 26 54.82 -25.87 10.01
N GLY A 27 54.24 -26.56 9.03
CA GLY A 27 53.75 -25.93 7.81
C GLY A 27 54.52 -26.41 6.59
N TYR A 28 55.85 -26.37 6.69
CA TYR A 28 56.71 -26.87 5.62
C TYR A 28 56.97 -28.37 5.79
N PRO A 29 56.63 -29.18 4.77
CA PRO A 29 56.90 -30.61 4.80
C PRO A 29 58.39 -30.92 4.73
N LYS A 30 58.81 -31.96 5.46
CA LYS A 30 60.24 -32.31 5.54
C LYS A 30 60.71 -33.09 4.32
N GLN A 31 59.77 -33.66 3.57
CA GLN A 31 60.09 -34.50 2.41
C GLN A 31 60.70 -33.71 1.24
N TYR A 32 60.32 -32.45 1.12
CA TYR A 32 60.80 -31.59 0.04
C TYR A 32 62.19 -31.03 0.34
N THR A 33 62.96 -30.76 -0.72
CA THR A 33 64.28 -30.17 -0.59
C THR A 33 64.22 -28.65 -0.66
N TYR A 34 64.85 -28.00 0.32
CA TYR A 34 64.87 -26.54 0.39
C TYR A 34 66.29 -26.00 0.16
N PHE A 35 66.43 -25.14 -0.85
CA PHE A 35 67.73 -24.61 -1.23
C PHE A 35 67.70 -23.11 -1.51
N LEU A 36 68.84 -22.46 -1.34
CA LEU A 36 68.97 -21.03 -1.60
C LEU A 36 69.54 -20.77 -2.99
N GLU A 37 68.84 -19.95 -3.77
CA GLU A 37 69.28 -19.60 -5.12
C GLU A 37 68.98 -18.14 -5.44
N ASP A 38 69.99 -17.44 -5.95
CA ASP A 38 69.89 -16.01 -6.30
C ASP A 38 69.54 -15.12 -5.09
N GLY A 39 69.96 -15.56 -3.91
CA GLY A 39 69.71 -14.83 -2.66
C GLY A 39 68.27 -14.98 -2.17
N LYS A 40 67.59 -16.01 -2.66
CA LYS A 40 66.19 -16.26 -2.30
C LYS A 40 65.93 -17.75 -2.09
N VAL A 41 65.13 -18.06 -1.06
CA VAL A 41 64.83 -19.44 -0.70
C VAL A 41 63.83 -20.07 -1.67
N LYS A 42 64.20 -21.21 -2.24
CA LYS A 42 63.37 -21.91 -3.22
C LYS A 42 63.07 -23.36 -2.79
N VAL A 43 61.99 -23.92 -3.34
CA VAL A 43 61.60 -25.30 -3.05
C VAL A 43 61.30 -26.08 -4.32
N SER A 44 61.76 -27.33 -4.37
CA SER A 44 61.47 -28.22 -5.49
C SER A 44 60.12 -28.91 -5.29
N ARG A 45 59.15 -28.54 -6.12
CA ARG A 45 57.78 -29.07 -6.02
C ARG A 45 57.33 -29.71 -7.32
N PRO A 46 56.32 -30.61 -7.24
CA PRO A 46 55.75 -31.28 -8.41
C PRO A 46 55.26 -30.29 -9.49
N GLU A 47 54.79 -29.12 -9.06
CA GLU A 47 54.37 -28.07 -9.98
C GLU A 47 55.57 -27.41 -10.65
N GLY A 48 56.67 -27.30 -9.91
CA GLY A 48 57.89 -26.66 -10.39
C GLY A 48 58.68 -26.01 -9.28
N VAL A 49 59.72 -25.26 -9.64
CA VAL A 49 60.54 -24.54 -8.67
C VAL A 49 59.83 -23.27 -8.22
N LYS A 50 59.49 -23.21 -6.94
CA LYS A 50 58.75 -22.07 -6.38
C LYS A 50 59.55 -21.38 -5.28
N ILE A 51 59.46 -20.05 -5.25
CA ILE A 51 60.19 -19.25 -4.27
C ILE A 51 59.37 -19.05 -3.00
N ILE A 52 59.99 -19.33 -1.85
CA ILE A 52 59.37 -19.07 -0.55
C ILE A 52 59.82 -17.72 0.01
N PRO A 53 58.88 -16.76 0.12
CA PRO A 53 59.19 -15.44 0.66
C PRO A 53 59.07 -15.40 2.19
N PRO A 54 59.74 -14.42 2.83
CA PRO A 54 59.61 -14.22 4.29
C PRO A 54 58.21 -13.73 4.68
N GLN A 55 57.88 -13.88 5.96
CA GLN A 55 56.54 -13.54 6.48
C GLN A 55 56.16 -12.08 6.22
N SER A 56 57.12 -11.17 6.34
CA SER A 56 56.88 -9.74 6.17
C SER A 56 56.55 -9.38 4.71
N ASP A 57 57.14 -10.11 3.77
CA ASP A 57 56.94 -9.85 2.35
C ASP A 57 55.66 -10.49 1.79
N ARG A 58 55.15 -11.49 2.51
CA ARG A 58 53.96 -12.23 2.08
C ARG A 58 52.71 -11.35 2.01
N GLN A 59 52.60 -10.41 2.95
CA GLN A 59 51.48 -9.46 2.99
C GLN A 59 51.50 -8.51 1.79
N LYS A 60 52.71 -8.17 1.34
CA LYS A 60 52.89 -7.26 0.21
C LYS A 60 52.63 -7.97 -1.13
N ILE A 61 53.07 -9.21 -1.24
CA ILE A 61 52.96 -9.98 -2.48
C ILE A 61 51.50 -10.29 -2.84
N VAL A 62 50.71 -10.69 -1.85
CA VAL A 62 49.28 -10.96 -2.05
C VAL A 62 48.55 -9.68 -2.48
N LEU A 63 48.94 -8.55 -1.90
CA LEU A 63 48.40 -7.25 -2.26
C LEU A 63 48.74 -6.86 -3.70
N GLN A 64 49.96 -7.19 -4.12
CA GLN A 64 50.44 -6.88 -5.47
C GLN A 64 49.71 -7.70 -6.54
N ALA A 65 49.47 -8.97 -6.25
CA ALA A 65 48.81 -9.88 -7.19
C ALA A 65 47.31 -9.61 -7.28
N HIS A 66 46.73 -9.14 -6.17
CA HIS A 66 45.30 -8.85 -6.10
C HIS A 66 44.95 -7.57 -6.82
N ASN A 67 45.76 -6.53 -6.60
CA ASN A 67 45.50 -5.21 -7.17
C ASN A 67 45.68 -5.11 -8.69
N LEU A 68 46.06 -6.23 -9.30
CA LEU A 68 46.20 -6.30 -10.75
C LEU A 68 44.85 -6.20 -11.46
N ALA A 69 43.89 -7.00 -11.01
CA ALA A 69 42.56 -7.04 -11.61
C ALA A 69 41.45 -7.13 -10.55
N HIS A 70 41.83 -7.05 -9.28
CA HIS A 70 40.90 -7.19 -8.14
C HIS A 70 40.06 -8.43 -8.25
N THR A 71 40.71 -9.58 -8.04
CA THR A 71 40.09 -10.88 -8.28
C THR A 71 39.77 -11.63 -6.98
N GLY A 72 38.98 -12.70 -7.11
CA GLY A 72 38.55 -13.48 -5.95
C GLY A 72 39.63 -14.39 -5.38
N ARG A 73 39.21 -15.39 -4.61
CA ARG A 73 40.13 -16.26 -3.88
C ARG A 73 41.03 -17.07 -4.83
N GLU A 74 40.41 -17.78 -5.77
CA GLU A 74 41.12 -18.71 -6.65
C GLU A 74 41.90 -18.00 -7.74
N ALA A 75 41.33 -16.92 -8.28
CA ALA A 75 41.96 -16.17 -9.38
C ALA A 75 43.18 -15.37 -8.93
N THR A 76 43.20 -14.97 -7.66
CA THR A 76 44.35 -14.27 -7.09
C THR A 76 45.48 -15.24 -6.77
N LEU A 77 45.13 -16.40 -6.20
CA LEU A 77 46.12 -17.43 -5.84
C LEU A 77 46.88 -17.97 -7.04
N LEU A 78 46.16 -18.19 -8.14
CA LEU A 78 46.76 -18.72 -9.37
C LEU A 78 47.83 -17.79 -9.96
N LYS A 79 47.73 -16.50 -9.63
CA LYS A 79 48.78 -15.53 -9.99
C LYS A 79 50.00 -15.68 -9.09
N ILE A 80 49.77 -15.93 -7.80
CA ILE A 80 50.86 -16.10 -6.83
C ILE A 80 51.51 -17.48 -6.98
N ALA A 81 50.71 -18.46 -7.40
CA ALA A 81 51.19 -19.83 -7.58
C ALA A 81 52.16 -19.98 -8.76
N ASN A 82 52.24 -18.94 -9.58
CA ASN A 82 53.17 -18.90 -10.70
C ASN A 82 54.63 -18.78 -10.26
N LEU A 83 54.84 -18.17 -9.10
CA LEU A 83 56.20 -17.92 -8.60
C LEU A 83 56.39 -18.34 -7.14
N TYR A 84 55.40 -18.05 -6.30
CA TYR A 84 55.56 -18.16 -4.85
C TYR A 84 54.78 -19.33 -4.23
N TRP A 85 55.30 -19.85 -3.11
CA TRP A 85 54.62 -20.87 -2.32
C TRP A 85 54.94 -20.75 -0.86
N TRP A 86 53.91 -20.87 -0.02
CA TRP A 86 54.08 -20.95 1.43
C TRP A 86 52.91 -21.68 2.07
N PRO A 87 53.08 -22.15 3.33
CA PRO A 87 52.00 -22.84 4.03
C PRO A 87 50.79 -21.92 4.25
N ASN A 88 49.59 -22.44 3.93
CA ASN A 88 48.34 -21.70 4.04
C ASN A 88 48.34 -20.39 3.23
N MET A 89 48.32 -20.54 1.91
CA MET A 89 48.31 -19.39 1.00
C MET A 89 46.95 -18.70 0.96
N ARG A 90 45.88 -19.50 0.91
CA ARG A 90 44.52 -18.98 0.79
C ARG A 90 44.07 -18.21 2.03
N LYS A 91 44.59 -18.60 3.20
CA LYS A 91 44.29 -17.91 4.45
C LYS A 91 44.85 -16.48 4.44
N ASP A 92 45.95 -16.29 3.73
CA ASP A 92 46.55 -14.97 3.56
C ASP A 92 45.84 -14.17 2.47
N VAL A 93 45.29 -14.88 1.48
CA VAL A 93 44.53 -14.26 0.39
C VAL A 93 43.17 -13.77 0.86
N VAL A 94 42.42 -14.66 1.53
CA VAL A 94 41.10 -14.34 2.07
C VAL A 94 41.16 -13.16 3.05
N LYS A 95 42.23 -13.10 3.84
CA LYS A 95 42.46 -12.01 4.78
C LYS A 95 42.60 -10.67 4.05
N GLN A 96 43.29 -10.69 2.91
CA GLN A 96 43.47 -9.49 2.08
C GLN A 96 42.20 -9.14 1.30
N LEU A 97 41.38 -10.15 1.04
CA LEU A 97 40.11 -9.96 0.32
C LEU A 97 39.09 -9.20 1.17
N GLY A 98 39.15 -9.39 2.49
CA GLY A 98 38.28 -8.70 3.42
C GLY A 98 38.78 -7.32 3.78
N ARG A 99 40.04 -7.04 3.46
CA ARG A 99 40.65 -5.74 3.72
C ARG A 99 40.40 -4.74 2.60
N CYS A 100 40.31 -5.25 1.37
CA CYS A 100 40.11 -4.42 0.20
C CYS A 100 38.73 -3.78 0.19
N GLN A 101 38.70 -2.44 0.30
CA GLN A 101 37.45 -1.69 0.33
C GLN A 101 36.78 -1.67 -1.04
N GLN A 102 37.59 -1.63 -2.10
CA GLN A 102 37.09 -1.54 -3.46
C GLN A 102 36.32 -2.79 -3.90
N CYS A 103 36.74 -3.95 -3.40
CA CYS A 103 36.12 -5.22 -3.77
C CYS A 103 34.81 -5.47 -3.03
N LEU A 104 34.75 -5.04 -1.77
CA LEU A 104 33.59 -5.28 -0.91
C LEU A 104 32.35 -4.51 -1.36
N ILE A 105 32.57 -3.31 -1.92
CA ILE A 105 31.47 -2.42 -2.30
C ILE A 105 31.12 -2.47 -3.79
N THR A 106 31.74 -3.40 -4.52
CA THR A 106 31.52 -3.52 -5.96
C THR A 106 31.07 -4.93 -6.37
N ASN A 107 31.69 -5.94 -5.77
CA ASN A 107 31.40 -7.34 -6.11
C ASN A 107 29.96 -7.75 -5.80
N ALA A 108 29.39 -8.57 -6.67
CA ALA A 108 28.02 -9.07 -6.49
C ALA A 108 28.00 -10.25 -5.51
N SER A 109 26.91 -10.34 -4.75
CA SER A 109 26.75 -11.39 -3.74
C SER A 109 26.37 -12.72 -4.39
N ASN A 110 26.96 -13.80 -3.88
CA ASN A 110 26.64 -15.15 -4.35
C ASN A 110 25.71 -15.90 -3.40
N LYS A 111 25.07 -15.16 -2.49
CA LYS A 111 24.11 -15.71 -1.57
C LYS A 111 22.73 -15.09 -1.77
N ALA A 112 21.73 -15.93 -2.01
CA ALA A 112 20.36 -15.46 -2.21
C ALA A 112 19.71 -15.08 -0.88
N SER A 113 18.66 -14.26 -0.96
CA SER A 113 17.90 -13.85 0.23
C SER A 113 17.05 -15.00 0.75
N GLY A 114 16.64 -14.90 2.02
CA GLY A 114 15.81 -15.92 2.65
C GLY A 114 14.42 -16.02 2.04
N PRO A 115 13.67 -17.08 2.39
CA PRO A 115 12.32 -17.30 1.85
C PRO A 115 11.37 -16.14 2.15
N ILE A 116 10.60 -15.73 1.14
CA ILE A 116 9.69 -14.60 1.28
C ILE A 116 8.54 -14.90 2.23
N LEU A 117 8.32 -13.99 3.18
CA LEU A 117 7.24 -14.14 4.15
C LEU A 117 5.89 -13.81 3.52
N ARG A 118 4.86 -14.57 3.92
CA ARG A 118 3.49 -14.28 3.52
C ARG A 118 2.67 -13.87 4.73
N PRO A 119 2.61 -12.55 5.01
CA PRO A 119 1.92 -12.02 6.18
C PRO A 119 0.42 -12.31 6.16
N ASP A 120 -0.17 -12.45 7.34
CA ASP A 120 -1.59 -12.77 7.47
C ASP A 120 -2.48 -11.68 6.88
N ARG A 121 -3.48 -12.10 6.11
CA ARG A 121 -4.48 -11.19 5.54
C ARG A 121 -5.24 -10.48 6.66
N PRO A 122 -5.39 -9.15 6.55
CA PRO A 122 -6.15 -8.36 7.51
C PRO A 122 -7.49 -9.02 7.86
N GLN A 123 -7.85 -9.00 9.14
CA GLN A 123 -9.00 -9.74 9.64
C GLN A 123 -10.33 -9.12 9.19
N LYS A 124 -10.44 -7.80 9.33
CA LYS A 124 -11.66 -7.08 8.98
C LYS A 124 -11.40 -6.08 7.85
N PRO A 125 -12.46 -5.68 7.13
CA PRO A 125 -12.35 -4.57 6.17
C PRO A 125 -11.98 -3.26 6.88
N PHE A 126 -11.28 -2.39 6.15
CA PHE A 126 -10.83 -1.09 6.69
C PHE A 126 -9.84 -1.24 7.85
N ASP A 127 -9.10 -2.35 7.87
CA ASP A 127 -8.04 -2.57 8.85
C ASP A 127 -6.69 -2.16 8.30
N LYS A 128 -6.48 -2.42 7.01
CA LYS A 128 -5.23 -2.04 6.34
C LYS A 128 -5.50 -1.46 4.95
N PHE A 129 -4.95 -0.28 4.69
CA PHE A 129 -5.15 0.42 3.43
C PHE A 129 -3.84 0.58 2.66
N PHE A 130 -3.81 0.08 1.43
CA PHE A 130 -2.61 0.16 0.59
C PHE A 130 -2.79 1.21 -0.50
N ILE A 131 -1.94 2.25 -0.46
CA ILE A 131 -2.03 3.37 -1.40
C ILE A 131 -0.75 3.58 -2.21
N ASP A 132 -0.93 3.90 -3.51
CA ASP A 132 0.19 4.15 -4.42
C ASP A 132 -0.27 4.82 -5.70
N TYR A 133 0.59 5.68 -6.25
CA TYR A 133 0.35 6.31 -7.57
C TYR A 133 0.92 5.45 -8.69
N ILE A 134 0.25 5.48 -9.85
CA ILE A 134 0.72 4.73 -11.02
C ILE A 134 1.48 5.62 -12.00
N GLY A 135 2.53 6.26 -11.51
CA GLY A 135 3.45 7.04 -12.34
C GLY A 135 2.80 8.17 -13.13
N PRO A 136 3.54 8.73 -14.11
CA PRO A 136 3.03 9.77 -14.98
C PRO A 136 2.45 9.20 -16.28
N LEU A 137 1.15 8.94 -16.27
CA LEU A 137 0.44 8.45 -17.45
C LEU A 137 0.26 9.57 -18.48
N PRO A 138 0.08 9.21 -19.77
CA PRO A 138 -0.12 10.20 -20.83
C PRO A 138 -1.28 11.15 -20.53
N PRO A 139 -1.10 12.45 -20.81
CA PRO A 139 -2.05 13.49 -20.43
C PRO A 139 -3.47 13.25 -20.94
N SER A 140 -4.39 12.99 -20.03
CA SER A 140 -5.80 12.80 -20.37
C SER A 140 -6.66 13.81 -19.61
N GLN A 141 -7.16 14.81 -20.33
CA GLN A 141 -7.98 15.90 -19.77
C GLN A 141 -7.25 16.66 -18.65
N GLY A 142 -5.92 16.78 -18.79
CA GLY A 142 -5.11 17.52 -17.83
C GLY A 142 -4.50 16.65 -16.73
N TYR A 143 -5.13 15.51 -16.46
CA TYR A 143 -4.69 14.62 -15.40
C TYR A 143 -3.57 13.68 -15.87
N LEU A 144 -2.68 13.33 -14.94
CA LEU A 144 -1.50 12.52 -15.27
C LEU A 144 -1.33 11.35 -14.31
N TYR A 145 -1.78 11.53 -13.06
CA TYR A 145 -1.53 10.56 -12.00
C TYR A 145 -2.82 9.93 -11.48
N VAL A 146 -2.72 8.69 -10.98
CA VAL A 146 -3.87 7.98 -10.42
C VAL A 146 -3.54 7.44 -9.03
N LEU A 147 -4.25 7.93 -8.02
CA LEU A 147 -4.11 7.41 -6.66
C LEU A 147 -4.94 6.15 -6.49
N VAL A 148 -4.28 5.06 -6.11
CA VAL A 148 -4.94 3.76 -5.99
C VAL A 148 -5.01 3.31 -4.53
N VAL A 149 -6.23 3.13 -4.03
CA VAL A 149 -6.45 2.67 -2.67
C VAL A 149 -6.98 1.23 -2.67
N VAL A 150 -6.21 0.33 -2.08
CA VAL A 150 -6.59 -1.09 -2.03
C VAL A 150 -6.80 -1.54 -0.58
N ASP A 151 -7.97 -2.12 -0.31
CA ASP A 151 -8.27 -2.70 0.99
C ASP A 151 -7.51 -4.02 1.16
N GLY A 152 -6.92 -4.22 2.33
CA GLY A 152 -6.11 -5.40 2.62
C GLY A 152 -6.92 -6.67 2.77
N MET A 153 -8.12 -6.54 3.33
CA MET A 153 -9.00 -7.68 3.57
C MET A 153 -9.69 -8.12 2.28
N THR A 154 -10.52 -7.24 1.73
CA THR A 154 -11.39 -7.59 0.61
C THR A 154 -10.68 -7.52 -0.74
N GLY A 155 -9.86 -6.49 -0.92
CA GLY A 155 -9.22 -6.23 -2.20
C GLY A 155 -9.98 -5.22 -3.02
N PHE A 156 -10.86 -4.46 -2.35
CA PHE A 156 -11.67 -3.43 -3.00
C PHE A 156 -10.81 -2.23 -3.35
N THR A 157 -10.97 -1.72 -4.57
CA THR A 157 -10.12 -0.66 -5.09
C THR A 157 -10.91 0.62 -5.36
N TRP A 158 -10.36 1.75 -4.88
CA TRP A 158 -10.91 3.06 -5.20
C TRP A 158 -9.92 3.84 -6.03
N LEU A 159 -10.38 4.33 -7.18
CA LEU A 159 -9.51 5.06 -8.09
C LEU A 159 -9.77 6.58 -8.03
N TYR A 160 -8.68 7.35 -7.96
CA TYR A 160 -8.78 8.80 -7.90
C TYR A 160 -7.78 9.46 -8.86
N PRO A 161 -8.29 10.15 -9.89
CA PRO A 161 -7.45 10.88 -10.85
C PRO A 161 -6.87 12.17 -10.24
N THR A 162 -5.56 12.34 -10.38
CA THR A 162 -4.86 13.52 -9.85
C THR A 162 -3.90 14.09 -10.88
N LYS A 163 -3.58 15.38 -10.74
CA LYS A 163 -2.66 16.07 -11.63
C LYS A 163 -1.22 15.98 -11.13
N ALA A 164 -1.06 15.70 -9.84
CA ALA A 164 0.25 15.65 -9.21
C ALA A 164 0.32 14.59 -8.11
N PRO A 165 1.51 14.00 -7.88
CA PRO A 165 1.70 13.08 -6.77
C PRO A 165 2.06 13.83 -5.48
N SER A 166 1.24 14.82 -5.13
CA SER A 166 1.50 15.70 -4.00
C SER A 166 0.66 15.32 -2.78
N THR A 167 0.99 15.91 -1.64
CA THR A 167 0.27 15.67 -0.39
C THR A 167 -1.17 16.18 -0.47
N SER A 168 -1.35 17.37 -1.03
CA SER A 168 -2.67 18.00 -1.17
C SER A 168 -3.61 17.19 -2.08
N ALA A 169 -3.03 16.54 -3.08
CA ALA A 169 -3.80 15.68 -3.98
C ALA A 169 -4.19 14.37 -3.32
N THR A 170 -3.36 13.89 -2.40
CA THR A 170 -3.63 12.66 -1.65
C THR A 170 -4.67 12.90 -0.56
N VAL A 171 -4.59 14.07 0.09
CA VAL A 171 -5.51 14.44 1.16
C VAL A 171 -6.94 14.65 0.64
N LYS A 172 -7.06 15.40 -0.46
CA LYS A 172 -8.35 15.70 -1.07
C LYS A 172 -9.08 14.45 -1.54
N SER A 173 -8.32 13.48 -2.06
CA SER A 173 -8.89 12.24 -2.58
C SER A 173 -9.30 11.28 -1.46
N LEU A 174 -8.51 11.26 -0.39
CA LEU A 174 -8.78 10.38 0.76
C LEU A 174 -9.91 10.91 1.65
N ASN A 175 -10.12 12.22 1.63
CA ASN A 175 -11.19 12.84 2.41
C ASN A 175 -12.59 12.47 1.91
N VAL A 176 -12.70 12.22 0.61
CA VAL A 176 -13.92 11.71 0.01
C VAL A 176 -14.10 10.22 0.35
N LEU A 177 -12.98 9.52 0.48
CA LEU A 177 -12.98 8.09 0.80
C LEU A 177 -13.26 7.83 2.28
N THR A 178 -12.64 8.63 3.15
CA THR A 178 -12.81 8.47 4.60
C THR A 178 -14.21 8.88 5.06
N SER A 179 -15.00 9.44 4.14
CA SER A 179 -16.41 9.73 4.38
C SER A 179 -17.22 8.45 4.52
N ILE A 180 -16.76 7.39 3.86
CA ILE A 180 -17.39 6.07 3.95
C ILE A 180 -17.01 5.41 5.28
N ALA A 181 -15.70 5.22 5.48
CA ALA A 181 -15.19 4.59 6.71
C ALA A 181 -13.74 4.99 6.97
N ILE A 182 -13.40 5.13 8.25
CA ILE A 182 -12.03 5.42 8.67
C ILE A 182 -11.22 4.13 8.81
N PRO A 183 -10.07 4.05 8.10
CA PRO A 183 -9.19 2.89 8.19
C PRO A 183 -8.33 2.90 9.46
N LYS A 184 -7.91 1.72 9.91
CA LYS A 184 -7.04 1.61 11.08
C LYS A 184 -5.60 1.99 10.74
N VAL A 185 -5.03 1.31 9.75
CA VAL A 185 -3.64 1.53 9.34
C VAL A 185 -3.55 1.74 7.83
N ILE A 186 -2.85 2.79 7.42
CA ILE A 186 -2.59 3.04 6.00
C ILE A 186 -1.14 2.72 5.64
N HIS A 187 -0.97 1.75 4.76
CA HIS A 187 0.35 1.33 4.30
C HIS A 187 0.68 1.94 2.97
N SER A 188 1.91 2.43 2.84
CA SER A 188 2.38 3.07 1.60
C SER A 188 3.89 2.99 1.47
N ASP A 189 4.38 3.17 0.25
CA ASP A 189 5.83 3.30 0.01
C ASP A 189 6.33 4.67 0.48
N GLN A 190 7.65 4.79 0.60
CA GLN A 190 8.26 6.01 1.13
C GLN A 190 8.30 7.15 0.09
N GLY A 191 7.14 7.45 -0.50
CA GLY A 191 7.01 8.58 -1.41
C GLY A 191 6.98 9.89 -0.66
N ALA A 192 7.33 10.98 -1.36
CA ALA A 192 7.40 12.31 -0.74
C ALA A 192 6.06 12.80 -0.22
N ALA A 193 4.98 12.41 -0.90
CA ALA A 193 3.63 12.79 -0.52
C ALA A 193 3.17 12.09 0.76
N PHE A 194 3.68 10.89 1.00
CA PHE A 194 3.27 10.07 2.13
C PHE A 194 4.19 10.25 3.34
N THR A 195 5.46 10.56 3.08
CA THR A 195 6.45 10.77 4.14
C THR A 195 6.43 12.21 4.67
N SER A 196 5.62 13.06 4.03
CA SER A 196 5.51 14.46 4.43
C SER A 196 4.86 14.63 5.79
N SER A 197 5.20 15.72 6.48
CA SER A 197 4.67 16.00 7.81
C SER A 197 3.19 16.42 7.77
N THR A 198 2.77 16.97 6.62
CA THR A 198 1.39 17.36 6.41
C THR A 198 0.47 16.14 6.33
N PHE A 199 0.96 15.08 5.69
CA PHE A 199 0.22 13.83 5.59
C PHE A 199 0.28 13.04 6.90
N ALA A 200 1.36 13.24 7.65
CA ALA A 200 1.55 12.60 8.95
C ALA A 200 0.61 13.19 10.01
N GLU A 201 0.36 14.49 9.91
CA GLU A 201 -0.56 15.19 10.81
C GLU A 201 -2.02 14.99 10.40
N TRP A 202 -2.23 14.63 9.14
CA TRP A 202 -3.57 14.34 8.62
C TRP A 202 -4.10 13.04 9.16
N ALA A 203 -3.24 12.01 9.19
CA ALA A 203 -3.63 10.69 9.67
C ALA A 203 -3.72 10.64 11.20
N LYS A 204 -2.87 11.42 11.87
CA LYS A 204 -2.85 11.48 13.33
C LYS A 204 -4.08 12.20 13.89
N GLU A 205 -4.64 13.10 13.09
CA GLU A 205 -5.83 13.86 13.47
C GLU A 205 -7.07 12.97 13.50
N ARG A 206 -7.12 11.98 12.61
CA ARG A 206 -8.25 11.08 12.51
C ARG A 206 -8.02 9.76 13.25
N GLY A 207 -6.83 9.61 13.82
CA GLY A 207 -6.48 8.41 14.59
C GLY A 207 -6.09 7.23 13.72
N ILE A 208 -5.35 7.52 12.66
CA ILE A 208 -4.88 6.48 11.73
C ILE A 208 -3.36 6.35 11.79
N HIS A 209 -2.89 5.13 12.03
CA HIS A 209 -1.46 4.84 12.07
C HIS A 209 -0.91 4.70 10.67
N LEU A 210 0.23 5.35 10.43
CA LEU A 210 0.88 5.27 9.12
C LEU A 210 1.95 4.20 9.07
N GLU A 211 1.84 3.31 8.10
CA GLU A 211 2.82 2.25 7.89
C GLU A 211 3.60 2.50 6.61
N PHE A 212 4.92 2.34 6.68
CA PHE A 212 5.79 2.64 5.54
C PHE A 212 6.56 1.41 5.07
N SER A 213 6.67 1.25 3.75
CA SER A 213 7.44 0.18 3.16
C SER A 213 8.94 0.47 3.25
N THR A 214 9.74 -0.59 3.28
CA THR A 214 11.19 -0.47 3.25
C THR A 214 11.66 0.17 1.94
N PRO A 215 12.60 1.14 2.03
CA PRO A 215 13.03 1.92 0.87
C PRO A 215 13.53 1.04 -0.29
N TYR A 216 13.06 1.35 -1.49
CA TYR A 216 13.44 0.64 -2.72
C TYR A 216 13.13 -0.86 -2.67
N HIS A 217 11.96 -1.17 -2.12
CA HIS A 217 11.46 -2.55 -2.05
C HIS A 217 9.98 -2.54 -2.29
N PRO A 218 9.57 -2.49 -3.57
CA PRO A 218 8.18 -2.25 -3.98
C PRO A 218 7.23 -3.40 -3.64
N GLN A 219 7.79 -4.60 -3.45
CA GLN A 219 6.98 -5.79 -3.17
C GLN A 219 6.47 -5.83 -1.73
N SER A 220 6.96 -4.92 -0.90
CA SER A 220 6.49 -4.79 0.48
C SER A 220 5.01 -4.41 0.53
N GLY A 221 4.65 -3.42 -0.27
CA GLY A 221 3.24 -3.05 -0.47
C GLY A 221 2.73 -3.63 -1.77
N SER A 222 2.66 -4.96 -1.83
CA SER A 222 2.32 -5.67 -3.06
C SER A 222 0.85 -5.63 -3.40
N LYS A 223 0.00 -5.53 -2.37
CA LYS A 223 -1.45 -5.54 -2.55
C LYS A 223 -1.96 -4.37 -3.41
N VAL A 224 -1.20 -3.29 -3.43
CA VAL A 224 -1.52 -2.14 -4.29
C VAL A 224 -0.71 -2.18 -5.60
N GLU A 225 0.48 -2.78 -5.55
CA GLU A 225 1.35 -2.89 -6.71
C GLU A 225 0.84 -3.93 -7.72
N ARG A 226 0.33 -5.05 -7.21
CA ARG A 226 -0.24 -6.10 -8.05
C ARG A 226 -1.58 -5.66 -8.64
N LYS A 227 -2.31 -4.82 -7.89
CA LYS A 227 -3.58 -4.28 -8.37
C LYS A 227 -3.35 -3.28 -9.50
N ASN A 228 -2.23 -2.56 -9.43
CA ASN A 228 -1.83 -1.64 -10.51
C ASN A 228 -1.59 -2.35 -11.83
N SER A 229 -1.17 -3.62 -11.75
CA SER A 229 -1.01 -4.45 -12.94
C SER A 229 -2.35 -4.78 -13.57
N ASP A 230 -3.36 -5.01 -12.72
CA ASP A 230 -4.71 -5.30 -13.19
C ASP A 230 -5.42 -4.07 -13.72
N ILE A 231 -5.07 -2.90 -13.19
CA ILE A 231 -5.62 -1.62 -13.65
C ILE A 231 -5.04 -1.25 -15.02
N LYS A 232 -3.72 -1.36 -15.15
CA LYS A 232 -3.04 -1.07 -16.42
C LYS A 232 -3.43 -2.05 -17.52
N ARG A 233 -3.56 -3.32 -17.17
CA ARG A 233 -3.91 -4.38 -18.13
C ARG A 233 -5.32 -4.18 -18.70
N LEU A 234 -6.24 -3.74 -17.84
CA LEU A 234 -7.62 -3.48 -18.25
C LEU A 234 -7.73 -2.19 -19.08
N LEU A 235 -6.97 -1.18 -18.69
CA LEU A 235 -6.94 0.10 -19.42
C LEU A 235 -6.28 -0.05 -20.79
N THR A 236 -5.30 -0.94 -20.89
CA THR A 236 -4.62 -1.22 -22.15
C THR A 236 -5.56 -1.87 -23.16
N LYS A 237 -6.35 -2.84 -22.69
CA LYS A 237 -7.29 -3.58 -23.54
C LYS A 237 -8.45 -2.71 -24.03
N LEU A 238 -8.84 -1.74 -23.20
CA LEU A 238 -9.94 -0.83 -23.54
C LEU A 238 -9.50 0.29 -24.48
N LEU A 239 -8.19 0.47 -24.61
CA LEU A 239 -7.63 1.52 -25.45
C LEU A 239 -6.88 0.98 -26.68
N VAL A 240 -7.28 -0.21 -27.13
CA VAL A 240 -6.68 -0.82 -28.33
C VAL A 240 -7.25 -0.17 -29.59
N GLY A 241 -6.36 0.44 -30.37
CA GLY A 241 -6.75 1.14 -31.60
C GLY A 241 -7.41 2.48 -31.34
N ARG A 242 -7.28 2.96 -30.09
CA ARG A 242 -7.89 4.21 -29.67
C ARG A 242 -6.86 5.12 -29.01
N PRO A 243 -7.04 6.45 -29.11
CA PRO A 243 -6.17 7.40 -28.41
C PRO A 243 -6.26 7.22 -26.89
N THR A 244 -5.11 7.32 -26.21
CA THR A 244 -5.02 7.00 -24.79
C THR A 244 -5.71 8.02 -23.89
N LYS A 245 -7.04 7.95 -23.84
CA LYS A 245 -7.84 8.73 -22.90
C LYS A 245 -8.37 7.81 -21.80
N TRP A 246 -7.72 7.85 -20.64
CA TRP A 246 -8.01 6.91 -19.55
C TRP A 246 -8.84 7.52 -18.45
N TYR A 247 -9.00 8.84 -18.49
CA TYR A 247 -9.70 9.58 -17.43
C TYR A 247 -11.17 9.15 -17.30
N ASP A 248 -11.84 8.97 -18.43
CA ASP A 248 -13.25 8.60 -18.44
C ASP A 248 -13.46 7.10 -18.17
N LEU A 249 -12.40 6.32 -18.35
CA LEU A 249 -12.47 4.88 -18.18
C LEU A 249 -12.21 4.42 -16.74
N LEU A 250 -11.71 5.34 -15.91
CA LEU A 250 -11.36 5.04 -14.52
C LEU A 250 -12.56 4.57 -13.67
N PRO A 251 -13.71 5.26 -13.76
CA PRO A 251 -14.89 4.79 -13.02
C PRO A 251 -15.44 3.46 -13.56
N VAL A 252 -15.18 3.17 -14.82
CA VAL A 252 -15.58 1.90 -15.44
C VAL A 252 -14.64 0.77 -14.99
N VAL A 253 -13.34 1.07 -14.96
CA VAL A 253 -12.32 0.11 -14.52
C VAL A 253 -12.47 -0.21 -13.02
N GLN A 254 -12.78 0.82 -12.24
CA GLN A 254 -13.00 0.67 -10.79
C GLN A 254 -14.15 -0.29 -10.50
N LEU A 255 -15.25 -0.12 -11.23
CA LEU A 255 -16.44 -0.97 -11.08
C LEU A 255 -16.20 -2.39 -11.58
N ALA A 256 -15.36 -2.52 -12.61
CA ALA A 256 -15.08 -3.80 -13.25
C ALA A 256 -14.24 -4.72 -12.37
N LEU A 257 -13.11 -4.19 -11.87
CA LEU A 257 -12.16 -4.98 -11.09
C LEU A 257 -12.68 -5.35 -9.70
N ASN A 258 -13.54 -4.50 -9.15
CA ASN A 258 -14.15 -4.76 -7.85
C ASN A 258 -15.22 -5.85 -7.90
N ASN A 259 -15.82 -6.02 -9.08
CA ASN A 259 -16.81 -7.06 -9.30
C ASN A 259 -16.22 -8.30 -10.01
N THR A 260 -14.90 -8.30 -10.16
CA THR A 260 -14.19 -9.41 -10.80
C THR A 260 -13.98 -10.56 -9.82
N TYR A 261 -14.36 -11.77 -10.24
CA TYR A 261 -14.15 -12.97 -9.44
C TYR A 261 -12.68 -13.39 -9.41
N SER A 262 -12.17 -13.60 -8.21
CA SER A 262 -10.83 -14.18 -8.02
C SER A 262 -10.94 -15.70 -8.04
N PRO A 263 -10.30 -16.36 -9.03
CA PRO A 263 -10.42 -17.80 -9.25
C PRO A 263 -9.94 -18.64 -8.06
N VAL A 264 -9.06 -18.08 -7.24
CA VAL A 264 -8.52 -18.79 -6.08
C VAL A 264 -9.29 -18.44 -4.79
N LEU A 265 -9.94 -17.28 -4.78
CA LEU A 265 -10.69 -16.82 -3.62
C LEU A 265 -12.19 -17.10 -3.73
N LYS A 266 -12.65 -17.30 -4.97
CA LYS A 266 -14.06 -17.65 -5.26
C LYS A 266 -15.06 -16.51 -5.05
N TYR A 267 -14.56 -15.37 -4.57
CA TYR A 267 -15.41 -14.22 -4.28
C TYR A 267 -14.81 -12.92 -4.80
N THR A 268 -15.68 -11.99 -5.18
CA THR A 268 -15.25 -10.67 -5.66
C THR A 268 -14.97 -9.74 -4.49
N PRO A 269 -14.09 -8.73 -4.70
CA PRO A 269 -13.86 -7.68 -3.71
C PRO A 269 -15.13 -6.97 -3.25
N HIS A 270 -16.14 -6.95 -4.12
CA HIS A 270 -17.45 -6.38 -3.78
C HIS A 270 -18.22 -7.31 -2.87
N GLN A 271 -18.15 -8.61 -3.15
CA GLN A 271 -18.85 -9.62 -2.36
C GLN A 271 -18.23 -9.81 -0.98
N LEU A 272 -16.93 -9.55 -0.88
CA LEU A 272 -16.21 -9.67 0.40
C LEU A 272 -16.43 -8.45 1.30
N LEU A 273 -16.81 -7.34 0.70
CA LEU A 273 -16.98 -6.07 1.44
C LEU A 273 -18.42 -5.87 1.93
N PHE A 274 -19.39 -6.21 1.08
CA PHE A 274 -20.79 -5.98 1.40
C PHE A 274 -21.54 -7.28 1.73
N GLY A 275 -21.27 -8.32 0.96
CA GLY A 275 -21.95 -9.62 1.14
C GLY A 275 -22.87 -9.95 -0.01
N ILE A 276 -23.48 -8.92 -0.60
CA ILE A 276 -24.40 -9.10 -1.72
C ILE A 276 -23.98 -8.24 -2.91
N ASP A 277 -24.16 -8.77 -4.12
CA ASP A 277 -23.88 -8.03 -5.34
C ASP A 277 -24.94 -6.96 -5.60
N SER A 278 -24.49 -5.82 -6.14
CA SER A 278 -25.38 -4.71 -6.44
C SER A 278 -26.11 -4.94 -7.77
N ASN A 279 -26.50 -3.85 -8.44
CA ASN A 279 -27.19 -3.94 -9.73
C ASN A 279 -26.18 -4.02 -10.90
N THR A 280 -25.00 -4.56 -10.61
CA THR A 280 -23.97 -4.78 -11.62
C THR A 280 -24.35 -5.94 -12.56
N PRO A 281 -24.00 -5.81 -13.86
CA PRO A 281 -24.25 -6.87 -14.83
C PRO A 281 -23.79 -8.25 -14.35
N PHE A 282 -24.63 -9.25 -14.54
CA PHE A 282 -24.39 -10.61 -14.05
C PHE A 282 -24.22 -10.65 -12.53
N ALA A 283 -25.26 -10.23 -11.81
CA ALA A 283 -25.24 -10.18 -10.35
C ALA A 283 -25.58 -11.53 -9.74
N ASN A 284 -24.88 -11.89 -8.67
CA ASN A 284 -25.12 -13.14 -7.97
C ASN A 284 -26.29 -13.03 -7.00
N GLN A 285 -27.26 -13.93 -7.15
CA GLN A 285 -28.46 -13.92 -6.32
C GLN A 285 -28.68 -15.26 -5.62
N ASP A 286 -27.62 -15.76 -4.98
CA ASP A 286 -27.68 -17.03 -4.24
C ASP A 286 -28.24 -16.84 -2.83
N THR A 287 -27.93 -15.69 -2.23
CA THR A 287 -28.43 -15.35 -0.89
C THR A 287 -29.72 -14.54 -0.95
N LEU A 288 -30.55 -14.82 -1.96
CA LEU A 288 -31.79 -14.10 -2.17
C LEU A 288 -32.86 -14.48 -1.14
N ASP A 289 -32.85 -15.75 -0.73
CA ASP A 289 -33.85 -16.26 0.20
C ASP A 289 -33.56 -15.86 1.65
N LEU A 290 -32.27 -15.82 2.00
CA LEU A 290 -31.84 -15.49 3.36
C LEU A 290 -31.99 -13.99 3.65
N THR A 291 -32.22 -13.66 4.92
CA THR A 291 -32.31 -12.27 5.36
C THR A 291 -30.91 -11.65 5.50
N ARG A 292 -30.87 -10.33 5.63
CA ARG A 292 -29.59 -9.60 5.75
C ARG A 292 -28.80 -10.00 6.99
N GLU A 293 -29.50 -10.23 8.10
CA GLU A 293 -28.87 -10.68 9.34
C GLU A 293 -28.22 -12.06 9.18
N GLU A 294 -28.86 -12.91 8.38
CA GLU A 294 -28.31 -14.22 8.03
C GLU A 294 -27.23 -14.11 6.95
N GLU A 295 -27.33 -13.07 6.13
CA GLU A 295 -26.38 -12.82 5.05
C GLU A 295 -25.05 -12.29 5.59
N LEU A 296 -25.13 -11.45 6.64
CA LEU A 296 -23.94 -10.91 7.28
C LEU A 296 -23.27 -11.96 8.18
N SER A 297 -24.06 -12.90 8.69
CA SER A 297 -23.53 -14.01 9.48
C SER A 297 -22.78 -15.00 8.60
N LEU A 298 -23.25 -15.16 7.37
CA LEU A 298 -22.57 -16.00 6.37
C LEU A 298 -21.31 -15.30 5.84
N LEU A 299 -21.37 -13.96 5.78
CA LEU A 299 -20.25 -13.15 5.32
C LEU A 299 -19.04 -13.24 6.25
N GLN A 300 -19.31 -13.30 7.55
CA GLN A 300 -18.26 -13.44 8.56
C GLN A 300 -17.55 -14.79 8.47
N GLU A 301 -18.29 -15.81 8.08
CA GLU A 301 -17.75 -17.16 7.94
C GLU A 301 -16.89 -17.28 6.68
N ILE A 302 -17.25 -16.52 5.64
CA ILE A 302 -16.51 -16.50 4.38
C ILE A 302 -15.16 -15.79 4.55
N ARG A 303 -15.18 -14.63 5.21
CA ARG A 303 -13.98 -13.82 5.41
C ARG A 303 -12.91 -14.53 6.22
N THR A 304 -13.34 -15.29 7.23
CA THR A 304 -12.42 -16.01 8.12
C THR A 304 -11.85 -17.26 7.47
N SER A 305 -12.63 -17.90 6.60
CA SER A 305 -12.24 -19.16 5.98
C SER A 305 -11.73 -18.97 4.54
N LEU A 306 -10.85 -17.98 4.36
CA LEU A 306 -10.16 -17.78 3.08
C LEU A 306 -8.76 -18.37 3.13
N TYR A 307 -8.24 -18.77 1.98
CA TYR A 307 -6.95 -19.46 1.91
C TYR A 307 -5.79 -18.54 2.28
N HIS A 308 -4.79 -19.11 2.94
CA HIS A 308 -3.57 -18.39 3.27
C HIS A 308 -2.40 -19.05 2.59
N PRO A 309 -1.74 -18.32 1.67
CA PRO A 309 -0.62 -18.86 0.91
C PRO A 309 0.56 -19.25 1.81
N SER A 310 0.95 -20.52 1.75
CA SER A 310 2.06 -21.03 2.56
C SER A 310 3.40 -20.51 2.04
N THR A 311 4.34 -20.29 2.95
CA THR A 311 5.68 -19.80 2.61
C THR A 311 6.47 -20.85 1.81
N PRO A 312 7.10 -20.40 0.69
CA PRO A 312 7.91 -21.28 -0.14
C PRO A 312 9.19 -21.75 0.58
N PRO A 313 9.69 -22.96 0.24
CA PRO A 313 10.88 -23.51 0.88
C PRO A 313 12.13 -22.65 0.63
N ALA A 314 13.02 -22.62 1.62
CA ALA A 314 14.25 -21.84 1.52
C ALA A 314 15.19 -22.42 0.48
N SER A 315 15.87 -21.53 -0.25
CA SER A 315 16.82 -21.94 -1.29
C SER A 315 18.07 -22.57 -0.67
N SER A 316 18.78 -23.36 -1.48
CA SER A 316 19.95 -24.11 -1.01
C SER A 316 21.05 -23.23 -0.44
N ARG A 317 21.27 -22.07 -1.05
CA ARG A 317 22.28 -21.12 -0.58
C ARG A 317 21.64 -19.78 -0.21
N SER A 318 21.00 -19.74 0.96
CA SER A 318 20.35 -18.54 1.46
C SER A 318 20.95 -18.10 2.79
N TRP A 319 21.00 -16.79 3.00
CA TRP A 319 21.54 -16.23 4.24
C TRP A 319 20.47 -15.65 5.12
N SER A 320 20.61 -15.85 6.43
CA SER A 320 19.68 -15.30 7.41
C SER A 320 20.39 -14.30 8.30
N PRO A 321 19.82 -13.09 8.44
CA PRO A 321 20.46 -12.01 9.21
C PRO A 321 20.39 -12.24 10.71
N VAL A 322 21.49 -11.94 11.40
CA VAL A 322 21.56 -12.03 12.86
C VAL A 322 22.11 -10.74 13.46
N VAL A 323 21.88 -10.54 14.76
CA VAL A 323 22.33 -9.33 15.46
C VAL A 323 23.84 -9.34 15.65
N GLY A 324 24.51 -8.32 15.11
CA GLY A 324 25.96 -8.21 15.21
C GLY A 324 26.69 -8.56 13.93
N GLN A 325 25.94 -9.06 12.94
CA GLN A 325 26.51 -9.45 11.66
C GLN A 325 26.78 -8.24 10.78
N LEU A 326 27.90 -8.28 10.06
CA LEU A 326 28.26 -7.20 9.13
C LEU A 326 27.55 -7.37 7.79
N VAL A 327 26.77 -6.36 7.41
CA VAL A 327 26.04 -6.37 6.14
C VAL A 327 26.28 -5.08 5.35
N GLN A 328 26.05 -5.15 4.04
CA GLN A 328 26.23 -3.99 3.16
C GLN A 328 24.92 -3.63 2.46
N GLU A 329 24.53 -2.35 2.56
CA GLU A 329 23.31 -1.87 1.93
C GLU A 329 23.52 -1.58 0.46
N ARG A 330 22.52 -1.92 -0.35
CA ARG A 330 22.57 -1.70 -1.80
C ARG A 330 22.35 -0.23 -2.13
N VAL A 331 23.19 0.30 -3.01
CA VAL A 331 23.02 1.66 -3.53
C VAL A 331 21.79 1.72 -4.44
N ALA A 332 20.90 2.67 -4.16
CA ALA A 332 19.62 2.79 -4.86
C ALA A 332 19.78 2.92 -6.37
N ARG A 333 20.20 4.09 -6.82
CA ARG A 333 20.47 4.34 -8.23
C ARG A 333 21.92 4.75 -8.44
N PRO A 334 22.82 3.77 -8.60
CA PRO A 334 24.24 4.04 -8.74
C PRO A 334 24.57 4.73 -10.07
N ALA A 335 25.50 5.69 -10.01
CA ALA A 335 25.96 6.39 -11.21
C ALA A 335 26.85 5.48 -12.06
N SER A 336 27.14 5.92 -13.28
CA SER A 336 27.95 5.14 -14.21
C SER A 336 29.38 4.95 -13.67
N LEU A 337 29.81 3.68 -13.64
CA LEU A 337 31.12 3.29 -13.10
C LEU A 337 31.28 3.65 -11.61
N ARG A 338 30.20 3.52 -10.86
CA ARG A 338 30.20 3.79 -9.43
C ARG A 338 29.68 2.58 -8.63
N PRO A 339 30.25 2.35 -7.43
CA PRO A 339 29.91 1.19 -6.60
C PRO A 339 28.42 1.07 -6.32
N ARG A 340 27.90 -0.16 -6.40
CA ARG A 340 26.48 -0.44 -6.16
C ARG A 340 26.23 -1.02 -4.77
N TRP A 341 27.21 -0.87 -3.89
CA TRP A 341 27.07 -1.27 -2.48
C TRP A 341 27.70 -0.25 -1.58
N HIS A 342 27.14 -0.12 -0.36
CA HIS A 342 27.66 0.81 0.63
C HIS A 342 28.69 0.18 1.52
N LYS A 343 29.30 0.98 2.38
CA LYS A 343 30.31 0.50 3.33
C LYS A 343 29.70 -0.47 4.35
N PRO A 344 30.50 -1.45 4.83
CA PRO A 344 30.06 -2.45 5.80
C PRO A 344 29.37 -1.84 7.01
N SER A 345 28.23 -2.40 7.39
CA SER A 345 27.42 -1.90 8.50
C SER A 345 26.95 -3.04 9.40
N THR A 346 26.74 -2.72 10.68
CA THR A 346 26.35 -3.73 11.68
C THR A 346 24.84 -3.76 11.88
N VAL A 347 24.29 -4.97 12.00
CA VAL A 347 22.86 -5.15 12.28
C VAL A 347 22.57 -4.83 13.75
N LEU A 348 21.62 -3.93 13.97
CA LEU A 348 21.24 -3.54 15.33
C LEU A 348 20.12 -4.41 15.90
N LYS A 349 19.07 -4.62 15.12
CA LYS A 349 17.93 -5.42 15.55
C LYS A 349 17.26 -6.13 14.36
N VAL A 350 16.84 -7.36 14.58
CA VAL A 350 16.13 -8.14 13.57
C VAL A 350 14.63 -8.18 13.89
N LEU A 351 13.83 -7.52 13.06
CA LEU A 351 12.37 -7.51 13.21
C LEU A 351 11.79 -8.87 12.79
N ASN A 352 12.08 -9.26 11.56
CA ASN A 352 11.76 -10.61 11.07
C ASN A 352 12.87 -11.11 10.13
N PRO A 353 12.81 -12.40 9.73
CA PRO A 353 13.83 -12.98 8.84
C PRO A 353 13.92 -12.30 7.46
N ARG A 354 13.23 -11.17 7.30
CA ARG A 354 13.22 -10.44 6.03
C ARG A 354 13.55 -8.96 6.20
N THR A 355 13.45 -8.45 7.43
CA THR A 355 13.64 -7.04 7.71
C THR A 355 14.51 -6.81 8.94
N VAL A 356 15.52 -5.94 8.79
CA VAL A 356 16.41 -5.60 9.90
C VAL A 356 16.64 -4.08 10.01
N VAL A 357 17.07 -3.64 11.19
CA VAL A 357 17.44 -2.24 11.41
C VAL A 357 18.96 -2.12 11.51
N ILE A 358 19.54 -1.29 10.65
CA ILE A 358 21.01 -1.16 10.56
C ILE A 358 21.49 0.28 10.71
N LEU A 359 22.68 0.43 11.29
CA LEU A 359 23.36 1.72 11.34
C LEU A 359 24.06 1.97 10.00
N ASP A 360 23.45 2.82 9.18
CA ASP A 360 23.88 2.98 7.78
C ASP A 360 25.19 3.76 7.62
N HIS A 361 25.55 4.05 6.37
CA HIS A 361 26.79 4.75 6.04
C HIS A 361 26.81 6.17 6.55
N LEU A 362 25.62 6.77 6.68
CA LEU A 362 25.49 8.13 7.20
C LEU A 362 25.74 8.18 8.71
N GLY A 363 25.33 7.11 9.41
CA GLY A 363 25.54 7.01 10.85
C GLY A 363 24.27 7.17 11.66
N ASN A 364 23.20 6.52 11.20
CA ASN A 364 21.90 6.58 11.88
C ASN A 364 21.07 5.32 11.65
N ASN A 365 19.99 5.18 12.42
CA ASN A 365 19.09 4.03 12.31
C ASN A 365 18.29 4.02 11.01
N ARG A 366 18.25 2.86 10.35
CA ARG A 366 17.56 2.72 9.07
C ARG A 366 16.98 1.31 8.92
N THR A 367 15.70 1.26 8.57
CA THR A 367 15.00 -0.02 8.39
C THR A 367 15.08 -0.47 6.92
N VAL A 368 15.85 -1.51 6.67
CA VAL A 368 16.09 -2.00 5.31
C VAL A 368 15.74 -3.48 5.19
N SER A 369 15.05 -3.85 4.10
CA SER A 369 14.76 -5.24 3.79
C SER A 369 16.01 -5.98 3.32
N ILE A 370 16.03 -7.30 3.50
CA ILE A 370 17.22 -8.11 3.22
C ILE A 370 17.53 -8.24 1.72
N ASP A 371 16.56 -7.93 0.87
CA ASP A 371 16.74 -7.97 -0.59
C ASP A 371 17.73 -6.91 -1.07
N ASN A 372 17.75 -5.78 -0.37
CA ASN A 372 18.71 -4.71 -0.65
C ASN A 372 19.94 -4.80 0.25
N LEU A 373 20.23 -6.00 0.75
CA LEU A 373 21.35 -6.24 1.65
C LEU A 373 22.12 -7.50 1.30
N LYS A 374 23.43 -7.46 1.52
CA LYS A 374 24.29 -8.64 1.36
C LYS A 374 25.20 -8.81 2.57
N PRO A 375 25.50 -10.08 2.94
CA PRO A 375 26.45 -10.33 4.01
C PRO A 375 27.89 -9.99 3.59
N THR A 376 28.62 -9.32 4.48
CA THR A 376 30.01 -8.95 4.21
C THR A 376 30.87 -10.19 4.07
N SER A 377 31.61 -10.27 2.97
CA SER A 377 32.41 -11.45 2.64
C SER A 377 33.66 -11.55 3.50
N HIS A 378 34.15 -12.79 3.67
CA HIS A 378 35.40 -13.07 4.39
C HIS A 378 35.37 -12.63 5.82
N GLN A 379 34.59 -13.34 6.63
CA GLN A 379 34.47 -13.04 8.06
C GLN A 379 34.73 -14.28 8.90
N ASP B 120 -41.93 -14.14 -0.60
CA ASP B 120 -41.42 -12.76 -0.82
C ASP B 120 -40.00 -12.61 -0.28
N ARG B 121 -39.14 -11.96 -1.06
CA ARG B 121 -37.75 -11.72 -0.66
C ARG B 121 -37.62 -10.60 0.36
N PRO B 122 -36.75 -10.80 1.38
CA PRO B 122 -36.50 -9.77 2.40
C PRO B 122 -35.74 -8.58 1.84
N GLN B 123 -35.80 -7.45 2.54
CA GLN B 123 -35.16 -6.21 2.09
C GLN B 123 -33.64 -6.31 2.18
N LYS B 124 -32.97 -5.84 1.14
CA LYS B 124 -31.51 -5.93 1.03
C LYS B 124 -30.90 -4.56 0.72
N PRO B 125 -29.57 -4.43 0.88
CA PRO B 125 -28.86 -3.22 0.42
C PRO B 125 -28.88 -3.09 -1.10
N PHE B 126 -28.71 -1.87 -1.58
CA PHE B 126 -28.69 -1.56 -3.02
C PHE B 126 -30.03 -1.84 -3.73
N ASP B 127 -31.07 -2.05 -2.94
CA ASP B 127 -32.42 -2.26 -3.47
C ASP B 127 -33.08 -0.94 -3.86
N LYS B 128 -33.04 0.02 -2.95
CA LYS B 128 -33.64 1.33 -3.19
C LYS B 128 -32.76 2.47 -2.65
N PHE B 129 -32.45 3.42 -3.51
CA PHE B 129 -31.61 4.57 -3.15
C PHE B 129 -32.43 5.85 -3.15
N PHE B 130 -32.61 6.42 -1.96
CA PHE B 130 -33.40 7.64 -1.78
C PHE B 130 -32.52 8.88 -1.95
N ILE B 131 -32.77 9.65 -3.01
CA ILE B 131 -31.98 10.85 -3.29
C ILE B 131 -32.80 12.14 -3.20
N ASP B 132 -32.21 13.17 -2.60
CA ASP B 132 -32.89 14.45 -2.38
C ASP B 132 -31.90 15.58 -2.13
N TYR B 133 -32.26 16.79 -2.57
CA TYR B 133 -31.47 17.99 -2.29
C TYR B 133 -32.00 18.72 -1.06
N ILE B 134 -31.09 19.31 -0.29
CA ILE B 134 -31.47 20.05 0.92
C ILE B 134 -31.17 21.54 0.81
N GLY B 135 -32.13 22.30 0.30
CA GLY B 135 -32.12 23.77 0.35
C GLY B 135 -30.96 24.46 -0.35
N PRO B 136 -31.01 25.81 -0.39
CA PRO B 136 -29.91 26.63 -0.89
C PRO B 136 -29.01 27.12 0.26
N LEU B 137 -28.05 26.29 0.65
CA LEU B 137 -27.15 26.61 1.76
C LEU B 137 -26.15 27.71 1.39
N PRO B 138 -25.69 28.49 2.41
CA PRO B 138 -24.68 29.54 2.21
C PRO B 138 -23.44 29.04 1.47
N PRO B 139 -22.82 29.91 0.64
CA PRO B 139 -21.68 29.52 -0.20
C PRO B 139 -20.48 29.03 0.59
N SER B 140 -19.98 27.84 0.24
CA SER B 140 -18.78 27.28 0.85
C SER B 140 -17.90 26.64 -0.22
N GLN B 141 -16.80 27.34 -0.53
CA GLN B 141 -15.87 26.91 -1.59
C GLN B 141 -16.52 26.77 -2.97
N GLY B 142 -17.55 27.58 -3.20
CA GLY B 142 -18.25 27.59 -4.48
C GLY B 142 -19.49 26.71 -4.53
N TYR B 143 -19.67 25.89 -3.50
CA TYR B 143 -20.79 24.95 -3.44
C TYR B 143 -21.97 25.50 -2.64
N LEU B 144 -23.17 25.16 -3.06
CA LEU B 144 -24.40 25.69 -2.45
C LEU B 144 -25.38 24.58 -2.06
N TYR B 145 -25.36 23.48 -2.81
CA TYR B 145 -26.34 22.42 -2.63
C TYR B 145 -25.70 21.09 -2.22
N VAL B 146 -26.48 20.26 -1.52
CA VAL B 146 -26.02 18.94 -1.08
C VAL B 146 -26.95 17.85 -1.59
N LEU B 147 -26.40 16.89 -2.31
CA LEU B 147 -27.16 15.71 -2.76
C LEU B 147 -27.10 14.62 -1.69
N VAL B 148 -28.27 14.32 -1.12
CA VAL B 148 -28.37 13.34 -0.04
C VAL B 148 -28.82 11.98 -0.56
N VAL B 149 -27.96 10.97 -0.40
CA VAL B 149 -28.26 9.62 -0.85
C VAL B 149 -28.42 8.68 0.35
N VAL B 150 -29.62 8.13 0.52
CA VAL B 150 -29.90 7.24 1.64
C VAL B 150 -30.35 5.86 1.13
N ASP B 151 -29.67 4.82 1.61
CA ASP B 151 -30.02 3.44 1.26
C ASP B 151 -31.31 3.01 1.98
N GLY B 152 -32.08 2.14 1.33
CA GLY B 152 -33.38 1.72 1.85
C GLY B 152 -33.32 0.85 3.09
N MET B 153 -32.45 -0.16 3.06
CA MET B 153 -32.37 -1.16 4.13
C MET B 153 -31.39 -0.75 5.22
N THR B 154 -30.14 -0.47 4.83
CA THR B 154 -29.07 -0.17 5.79
C THR B 154 -29.22 1.23 6.40
N GLY B 155 -29.72 2.17 5.61
CA GLY B 155 -29.83 3.56 6.04
C GLY B 155 -28.51 4.30 5.96
N PHE B 156 -27.63 3.83 5.07
CA PHE B 156 -26.32 4.44 4.88
C PHE B 156 -26.43 5.73 4.08
N THR B 157 -25.76 6.78 4.54
CA THR B 157 -25.89 8.11 3.98
C THR B 157 -24.67 8.52 3.16
N TRP B 158 -24.90 8.93 1.91
CA TRP B 158 -23.87 9.52 1.08
C TRP B 158 -24.18 10.96 0.81
N LEU B 159 -23.23 11.83 1.10
CA LEU B 159 -23.39 13.27 0.87
C LEU B 159 -22.47 13.77 -0.23
N TYR B 160 -23.03 14.47 -1.21
CA TYR B 160 -22.27 15.01 -2.32
C TYR B 160 -22.53 16.50 -2.52
N PRO B 161 -21.45 17.31 -2.43
CA PRO B 161 -21.55 18.76 -2.63
C PRO B 161 -21.77 19.12 -4.11
N THR B 162 -22.76 19.98 -4.37
CA THR B 162 -23.08 20.41 -5.73
C THR B 162 -23.28 21.92 -5.79
N LYS B 163 -23.05 22.49 -6.97
CA LYS B 163 -23.19 23.93 -7.18
C LYS B 163 -24.64 24.32 -7.54
N ALA B 164 -25.36 23.38 -8.13
CA ALA B 164 -26.73 23.63 -8.59
C ALA B 164 -27.63 22.41 -8.37
N PRO B 165 -28.95 22.64 -8.19
CA PRO B 165 -29.91 21.55 -8.10
C PRO B 165 -30.36 21.08 -9.49
N SER B 166 -29.38 20.82 -10.35
CA SER B 166 -29.64 20.48 -11.75
C SER B 166 -29.34 19.01 -12.04
N THR B 167 -29.78 18.55 -13.21
CA THR B 167 -29.53 17.18 -13.67
C THR B 167 -28.03 16.94 -13.90
N SER B 168 -27.35 17.94 -14.44
CA SER B 168 -25.91 17.86 -14.72
C SER B 168 -25.10 17.63 -13.45
N ALA B 169 -25.52 18.25 -12.35
CA ALA B 169 -24.84 18.09 -11.07
C ALA B 169 -25.21 16.78 -10.39
N THR B 170 -26.42 16.29 -10.65
CA THR B 170 -26.90 15.03 -10.09
C THR B 170 -26.23 13.84 -10.79
N VAL B 171 -26.08 13.92 -12.11
CA VAL B 171 -25.41 12.88 -12.90
C VAL B 171 -23.93 12.77 -12.53
N LYS B 172 -23.27 13.92 -12.38
CA LYS B 172 -21.85 13.98 -12.05
C LYS B 172 -21.54 13.35 -10.69
N SER B 173 -22.41 13.60 -9.72
CA SER B 173 -22.23 13.10 -8.35
C SER B 173 -22.57 11.62 -8.21
N LEU B 174 -23.59 11.17 -8.93
CA LEU B 174 -24.03 9.78 -8.86
C LEU B 174 -23.09 8.83 -9.63
N ASN B 175 -22.37 9.37 -10.61
CA ASN B 175 -21.38 8.60 -11.35
C ASN B 175 -20.20 8.15 -10.50
N VAL B 176 -19.89 8.95 -9.48
CA VAL B 176 -18.85 8.60 -8.50
C VAL B 176 -19.38 7.54 -7.54
N LEU B 177 -20.69 7.55 -7.30
CA LEU B 177 -21.33 6.59 -6.42
C LEU B 177 -21.57 5.24 -7.11
N THR B 178 -22.03 5.30 -8.36
CA THR B 178 -22.35 4.08 -9.12
C THR B 178 -21.10 3.29 -9.51
N SER B 179 -19.94 3.94 -9.46
CA SER B 179 -18.66 3.28 -9.70
C SER B 179 -18.29 2.33 -8.55
N ILE B 180 -18.85 2.62 -7.37
CA ILE B 180 -18.66 1.77 -6.20
C ILE B 180 -19.77 0.71 -6.12
N ALA B 181 -21.02 1.16 -6.18
CA ALA B 181 -22.18 0.28 -6.11
C ALA B 181 -23.38 0.85 -6.87
N ILE B 182 -24.08 -0.01 -7.60
CA ILE B 182 -25.23 0.40 -8.40
C ILE B 182 -26.54 -0.01 -7.72
N PRO B 183 -27.47 0.96 -7.54
CA PRO B 183 -28.79 0.66 -6.98
C PRO B 183 -29.72 0.01 -8.00
N LYS B 184 -30.67 -0.79 -7.51
CA LYS B 184 -31.69 -1.39 -8.37
C LYS B 184 -32.80 -0.38 -8.67
N VAL B 185 -33.23 0.34 -7.64
CA VAL B 185 -34.27 1.36 -7.79
C VAL B 185 -33.81 2.68 -7.18
N ILE B 186 -34.02 3.78 -7.92
CA ILE B 186 -33.73 5.12 -7.41
C ILE B 186 -35.03 5.86 -7.09
N HIS B 187 -35.16 6.30 -5.84
CA HIS B 187 -36.34 7.02 -5.39
C HIS B 187 -36.06 8.47 -5.17
N SER B 188 -36.94 9.33 -5.69
CA SER B 188 -36.80 10.78 -5.56
C SER B 188 -38.15 11.48 -5.68
N ASP B 189 -38.20 12.73 -5.23
CA ASP B 189 -39.40 13.56 -5.35
C ASP B 189 -39.59 14.08 -6.78
N GLN B 190 -40.69 14.80 -7.02
CA GLN B 190 -41.01 15.33 -8.33
C GLN B 190 -40.19 16.58 -8.68
N GLY B 191 -38.91 16.56 -8.33
CA GLY B 191 -37.99 17.66 -8.65
C GLY B 191 -37.60 17.64 -10.12
N ALA B 192 -37.26 18.82 -10.65
CA ALA B 192 -36.94 18.97 -12.07
C ALA B 192 -35.64 18.26 -12.46
N ALA B 193 -34.73 18.11 -11.49
CA ALA B 193 -33.44 17.46 -11.72
C ALA B 193 -33.57 15.95 -11.90
N PHE B 194 -34.65 15.38 -11.36
CA PHE B 194 -34.87 13.94 -11.39
C PHE B 194 -35.93 13.53 -12.42
N THR B 195 -36.90 14.41 -12.65
CA THR B 195 -37.99 14.14 -13.58
C THR B 195 -37.63 14.49 -15.03
N SER B 196 -36.40 14.93 -15.24
CA SER B 196 -35.91 15.29 -16.57
C SER B 196 -35.69 14.06 -17.44
N SER B 197 -35.75 14.26 -18.76
CA SER B 197 -35.56 13.17 -19.73
C SER B 197 -34.10 12.74 -19.83
N THR B 198 -33.20 13.65 -19.49
CA THR B 198 -31.76 13.36 -19.49
C THR B 198 -31.39 12.43 -18.34
N PHE B 199 -32.06 12.59 -17.20
CA PHE B 199 -31.87 11.72 -16.04
C PHE B 199 -32.54 10.36 -16.26
N ALA B 200 -33.60 10.35 -17.06
CA ALA B 200 -34.31 9.11 -17.40
C ALA B 200 -33.48 8.23 -18.34
N GLU B 201 -32.75 8.88 -19.26
CA GLU B 201 -31.84 8.18 -20.16
C GLU B 201 -30.58 7.70 -19.44
N TRP B 202 -30.19 8.43 -18.40
CA TRP B 202 -29.02 8.09 -17.59
C TRP B 202 -29.25 6.83 -16.80
N ALA B 203 -30.44 6.68 -16.24
CA ALA B 203 -30.80 5.50 -15.46
C ALA B 203 -31.09 4.29 -16.34
N LYS B 204 -31.49 4.55 -17.59
CA LYS B 204 -31.80 3.49 -18.54
C LYS B 204 -30.54 2.76 -19.03
N GLU B 205 -29.45 3.52 -19.15
CA GLU B 205 -28.17 2.97 -19.63
C GLU B 205 -27.54 2.02 -18.61
N ARG B 206 -27.71 2.33 -17.33
CA ARG B 206 -27.13 1.54 -16.25
C ARG B 206 -28.11 0.48 -15.73
N GLY B 207 -29.33 0.50 -16.25
CA GLY B 207 -30.35 -0.49 -15.90
C GLY B 207 -30.96 -0.27 -14.53
N ILE B 208 -31.29 0.97 -14.23
CA ILE B 208 -31.91 1.33 -12.96
C ILE B 208 -33.33 1.86 -13.17
N HIS B 209 -34.29 1.26 -12.46
CA HIS B 209 -35.68 1.69 -12.51
C HIS B 209 -35.90 2.90 -11.64
N LEU B 210 -36.59 3.90 -12.18
CA LEU B 210 -36.85 5.13 -11.45
C LEU B 210 -38.24 5.13 -10.80
N GLU B 211 -38.27 5.41 -9.50
CA GLU B 211 -39.51 5.51 -8.76
C GLU B 211 -39.71 6.93 -8.23
N PHE B 212 -40.82 7.55 -8.60
CA PHE B 212 -41.12 8.92 -8.19
C PHE B 212 -42.28 8.97 -7.21
N SER B 213 -42.09 9.69 -6.10
CA SER B 213 -43.12 9.85 -5.09
C SER B 213 -44.20 10.83 -5.55
N THR B 214 -45.40 10.69 -5.01
CA THR B 214 -46.52 11.57 -5.33
C THR B 214 -46.23 13.01 -4.91
N PRO B 215 -46.63 13.99 -5.75
CA PRO B 215 -46.35 15.41 -5.51
C PRO B 215 -46.92 15.92 -4.18
N TYR B 216 -46.20 16.87 -3.57
CA TYR B 216 -46.65 17.58 -2.36
C TYR B 216 -46.59 16.76 -1.07
N HIS B 217 -46.56 15.43 -1.20
CA HIS B 217 -46.41 14.55 -0.04
C HIS B 217 -45.58 13.33 -0.38
N PRO B 218 -44.32 13.30 0.10
CA PRO B 218 -43.39 12.22 -0.20
C PRO B 218 -43.64 10.97 0.65
N GLN B 219 -43.16 9.82 0.17
CA GLN B 219 -43.25 8.57 0.91
C GLN B 219 -41.94 7.79 0.80
N SER B 220 -41.37 7.46 1.96
CA SER B 220 -40.08 6.79 2.01
C SER B 220 -40.02 5.70 3.08
N GLY B 221 -40.77 5.91 4.16
CA GLY B 221 -40.76 4.98 5.30
C GLY B 221 -40.24 5.65 6.56
N SER B 222 -40.47 5.01 7.70
CA SER B 222 -40.09 5.56 9.00
C SER B 222 -38.58 5.66 9.18
N LYS B 223 -37.86 4.65 8.71
CA LYS B 223 -36.41 4.59 8.86
C LYS B 223 -35.69 5.62 7.99
N VAL B 224 -36.20 5.85 6.80
CA VAL B 224 -35.61 6.79 5.85
C VAL B 224 -35.92 8.24 6.23
N GLU B 225 -37.15 8.49 6.66
CA GLU B 225 -37.59 9.84 7.04
C GLU B 225 -36.96 10.32 8.35
N ARG B 226 -36.75 9.40 9.29
CA ARG B 226 -36.08 9.71 10.55
C ARG B 226 -34.58 9.97 10.33
N LYS B 227 -34.02 9.32 9.32
CA LYS B 227 -32.62 9.55 8.93
C LYS B 227 -32.49 10.90 8.22
N ASN B 228 -33.42 11.19 7.32
CA ASN B 228 -33.46 12.46 6.60
C ASN B 228 -33.70 13.65 7.52
N SER B 229 -34.44 13.41 8.61
CA SER B 229 -34.69 14.44 9.62
C SER B 229 -33.42 14.79 10.39
N ASP B 230 -32.58 13.79 10.61
CA ASP B 230 -31.31 13.98 11.33
C ASP B 230 -30.31 14.79 10.51
N ILE B 231 -30.28 14.54 9.21
CA ILE B 231 -29.39 15.25 8.29
C ILE B 231 -29.76 16.74 8.19
N LYS B 232 -31.07 17.01 8.21
CA LYS B 232 -31.58 18.38 8.16
C LYS B 232 -31.17 19.21 9.38
N ARG B 233 -31.12 18.56 10.54
CA ARG B 233 -30.86 19.26 11.80
C ARG B 233 -29.38 19.23 12.20
N LEU B 234 -28.68 18.17 11.81
CA LEU B 234 -27.26 18.03 12.12
C LEU B 234 -26.40 19.02 11.32
N LEU B 235 -26.79 19.26 10.07
CA LEU B 235 -26.09 20.23 9.22
C LEU B 235 -26.28 21.65 9.73
N THR B 236 -27.49 21.97 10.17
CA THR B 236 -27.81 23.31 10.68
C THR B 236 -27.20 23.57 12.06
N LYS B 237 -27.04 22.50 12.84
CA LYS B 237 -26.41 22.59 14.16
C LYS B 237 -24.95 23.02 14.05
N LEU B 238 -24.24 22.45 13.08
CA LEU B 238 -22.83 22.79 12.84
C LEU B 238 -22.69 24.03 11.95
N LEU B 239 -23.77 24.42 11.29
CA LEU B 239 -23.77 25.59 10.41
C LEU B 239 -23.85 26.90 11.19
N VAL B 240 -24.53 26.86 12.34
CA VAL B 240 -24.67 28.04 13.21
C VAL B 240 -23.31 28.45 13.78
N GLY B 241 -22.90 29.69 13.47
CA GLY B 241 -21.59 30.19 13.88
C GLY B 241 -20.59 30.20 12.73
N ARG B 242 -20.71 29.22 11.85
CA ARG B 242 -19.82 29.10 10.69
C ARG B 242 -20.58 28.62 9.44
N PRO B 243 -21.31 29.54 8.78
CA PRO B 243 -22.15 29.18 7.63
C PRO B 243 -21.35 28.96 6.34
N THR B 244 -20.13 29.48 6.31
CA THR B 244 -19.27 29.39 5.12
C THR B 244 -18.31 28.19 5.18
N LYS B 245 -18.41 27.41 6.24
CA LYS B 245 -17.52 26.27 6.45
C LYS B 245 -18.28 24.98 6.74
N TRP B 246 -19.10 24.55 5.78
CA TRP B 246 -19.81 23.26 5.90
C TRP B 246 -19.27 22.22 4.95
N TYR B 247 -18.43 22.66 4.01
CA TYR B 247 -17.82 21.75 3.03
C TYR B 247 -16.83 20.80 3.68
N ASP B 248 -16.03 21.31 4.61
CA ASP B 248 -15.01 20.52 5.29
C ASP B 248 -15.61 19.59 6.36
N LEU B 249 -16.85 19.89 6.76
CA LEU B 249 -17.55 19.09 7.76
C LEU B 249 -18.28 17.89 7.15
N LEU B 250 -18.46 17.92 5.83
CA LEU B 250 -19.19 16.86 5.11
C LEU B 250 -18.68 15.44 5.37
N PRO B 251 -17.34 15.24 5.40
CA PRO B 251 -16.81 13.91 5.71
C PRO B 251 -17.13 13.44 7.14
N VAL B 252 -17.05 14.37 8.10
CA VAL B 252 -17.29 14.03 9.51
C VAL B 252 -18.80 13.95 9.84
N VAL B 253 -19.62 14.57 9.00
CA VAL B 253 -21.08 14.46 9.12
C VAL B 253 -21.55 13.09 8.61
N GLN B 254 -20.97 12.65 7.49
CA GLN B 254 -21.26 11.32 6.94
C GLN B 254 -20.87 10.20 7.89
N LEU B 255 -19.74 10.37 8.58
CA LEU B 255 -19.27 9.40 9.56
C LEU B 255 -20.15 9.38 10.80
N ALA B 256 -20.70 10.53 11.16
CA ALA B 256 -21.57 10.67 12.33
C ALA B 256 -22.92 10.00 12.11
N LEU B 257 -23.48 10.18 10.92
CA LEU B 257 -24.80 9.62 10.57
C LEU B 257 -24.74 8.10 10.41
N ASN B 258 -23.69 7.62 9.75
CA ASN B 258 -23.52 6.19 9.48
C ASN B 258 -23.10 5.39 10.72
N ASN B 259 -22.72 6.10 11.78
CA ASN B 259 -22.35 5.46 13.05
C ASN B 259 -23.25 5.86 14.21
N THR B 260 -24.35 6.53 13.90
CA THR B 260 -25.38 6.85 14.89
C THR B 260 -26.07 5.56 15.34
N TYR B 261 -26.06 5.30 16.64
CA TYR B 261 -26.69 4.12 17.20
C TYR B 261 -28.19 4.13 16.93
N SER B 262 -28.65 3.14 16.16
CA SER B 262 -30.03 3.07 15.70
C SER B 262 -31.05 3.15 16.85
N PRO B 263 -32.11 3.96 16.67
CA PRO B 263 -33.12 4.19 17.71
C PRO B 263 -33.85 2.92 18.15
N VAL B 264 -34.27 2.10 17.18
CA VAL B 264 -35.01 0.87 17.47
C VAL B 264 -34.10 -0.37 17.33
N LEU B 265 -33.42 -0.46 16.19
CA LEU B 265 -32.52 -1.59 15.92
C LEU B 265 -31.21 -1.47 16.70
N LYS B 266 -30.46 -2.57 16.76
CA LYS B 266 -29.18 -2.59 17.45
C LYS B 266 -28.00 -2.62 16.47
N TYR B 267 -28.23 -2.10 15.26
CA TYR B 267 -27.21 -2.08 14.21
C TYR B 267 -27.10 -0.70 13.56
N THR B 268 -25.87 -0.19 13.50
CA THR B 268 -25.59 1.06 12.80
C THR B 268 -25.56 0.82 11.29
N PRO B 269 -25.82 1.88 10.49
CA PRO B 269 -25.74 1.80 9.02
C PRO B 269 -24.42 1.22 8.50
N HIS B 270 -23.36 1.36 9.30
CA HIS B 270 -22.05 0.80 8.97
C HIS B 270 -22.04 -0.70 9.17
N GLN B 271 -22.69 -1.15 10.24
CA GLN B 271 -22.73 -2.57 10.58
C GLN B 271 -23.65 -3.37 9.64
N LEU B 272 -24.67 -2.70 9.14
CA LEU B 272 -25.64 -3.34 8.23
C LEU B 272 -25.09 -3.48 6.80
N LEU B 273 -24.16 -2.59 6.45
CA LEU B 273 -23.62 -2.55 5.09
C LEU B 273 -22.38 -3.42 4.92
N PHE B 274 -21.49 -3.38 5.92
CA PHE B 274 -20.21 -4.09 5.84
C PHE B 274 -20.18 -5.38 6.65
N GLY B 275 -20.85 -5.37 7.80
CA GLY B 275 -20.92 -6.57 8.66
C GLY B 275 -20.13 -6.44 9.95
N ILE B 276 -19.28 -5.42 10.01
CA ILE B 276 -18.43 -5.19 11.18
C ILE B 276 -18.68 -3.81 11.79
N ASP B 277 -18.23 -3.61 13.03
CA ASP B 277 -18.28 -2.30 13.67
C ASP B 277 -17.16 -1.39 13.16
N SER B 278 -17.46 -0.10 13.07
CA SER B 278 -16.53 0.88 12.51
C SER B 278 -15.35 1.16 13.44
N ASN B 279 -14.26 1.67 12.86
CA ASN B 279 -13.07 2.05 13.62
C ASN B 279 -13.25 3.35 14.39
N THR B 280 -14.23 4.15 13.97
CA THR B 280 -14.59 5.38 14.67
C THR B 280 -16.06 5.34 15.14
N PRO B 281 -16.31 4.73 16.31
CA PRO B 281 -17.65 4.64 16.85
C PRO B 281 -18.01 5.85 17.71
N PHE B 282 -19.08 6.54 17.34
CA PHE B 282 -19.55 7.71 18.08
C PHE B 282 -20.29 7.27 19.34
N ALA B 283 -19.60 7.32 20.48
CA ALA B 283 -20.12 6.80 21.74
C ALA B 283 -21.14 7.73 22.38
N ASN B 284 -20.78 9.01 22.53
CA ASN B 284 -21.65 9.99 23.17
C ASN B 284 -22.42 10.83 22.17
N GLN B 285 -23.64 11.23 22.55
CA GLN B 285 -24.53 11.99 21.67
C GLN B 285 -24.94 13.33 22.29
N ASP B 286 -24.75 14.39 21.53
CA ASP B 286 -25.38 15.67 21.84
C ASP B 286 -26.82 15.67 21.33
N THR B 287 -27.71 16.35 22.06
CA THR B 287 -29.16 16.25 21.81
C THR B 287 -29.61 16.85 20.47
N LEU B 288 -28.64 17.29 19.66
CA LEU B 288 -28.90 17.81 18.31
C LEU B 288 -29.69 19.13 18.32
N ASP B 289 -30.12 19.55 19.51
CA ASP B 289 -30.91 20.77 19.66
C ASP B 289 -30.00 21.99 19.81
N LEU B 290 -30.50 23.13 19.31
CA LEU B 290 -29.78 24.39 19.43
C LEU B 290 -29.93 24.99 20.82
N THR B 291 -28.82 25.47 21.39
CA THR B 291 -28.83 26.08 22.72
C THR B 291 -29.42 27.50 22.68
N ARG B 292 -29.57 28.11 23.85
CA ARG B 292 -30.23 29.41 23.98
C ARG B 292 -29.58 30.51 23.14
N GLU B 293 -28.25 30.62 23.24
CA GLU B 293 -27.51 31.67 22.52
C GLU B 293 -27.21 31.31 21.07
N GLU B 294 -27.34 30.03 20.74
CA GLU B 294 -27.20 29.57 19.35
C GLU B 294 -28.44 29.90 18.51
N GLU B 295 -29.57 30.04 19.19
CA GLU B 295 -30.82 30.40 18.53
C GLU B 295 -30.85 31.88 18.16
N LEU B 296 -30.27 32.72 19.03
CA LEU B 296 -30.20 34.16 18.80
C LEU B 296 -29.23 34.53 17.69
N SER B 297 -28.16 33.75 17.57
CA SER B 297 -27.15 33.95 16.52
C SER B 297 -27.68 33.48 15.16
N LEU B 298 -28.52 32.44 15.17
CA LEU B 298 -29.12 31.91 13.95
C LEU B 298 -30.24 32.82 13.44
N LEU B 299 -30.88 33.54 14.35
CA LEU B 299 -31.95 34.47 13.99
C LEU B 299 -31.41 35.85 13.62
N GLN B 300 -30.10 36.03 13.77
CA GLN B 300 -29.44 37.29 13.45
C GLN B 300 -28.75 37.24 12.09
N GLU B 301 -28.36 36.04 11.66
CA GLU B 301 -27.69 35.84 10.38
C GLU B 301 -28.60 36.15 9.19
N ILE B 302 -29.90 35.90 9.37
CA ILE B 302 -30.89 36.21 8.34
C ILE B 302 -31.33 37.67 8.43
N ARG B 303 -31.66 38.11 9.64
CA ARG B 303 -32.09 39.49 9.87
C ARG B 303 -31.20 40.16 10.91
#